data_8E67
#
_entry.id   8E67
#
_cell.length_a   63.940
_cell.length_b   74.350
_cell.length_c   76.620
_cell.angle_alpha   90.000
_cell.angle_beta   98.020
_cell.angle_gamma   90.000
#
_symmetry.space_group_name_H-M   'P 1 21 1'
#
loop_
_entity.id
_entity.type
_entity.pdbx_description
1 polymer 'GGAT-containing 15 bp DNA'
2 polymer 'Complementary 15 bp strand'
3 polymer 'Transcription factor ETV6'
4 water water
#
loop_
_entity_poly.entity_id
_entity_poly.type
_entity_poly.pdbx_seq_one_letter_code
_entity_poly.pdbx_strand_id
1 'polydeoxyribonucleotide' (DA)(DA)(DA)(DG)(DC)(DC)(DG)(DG)(DA)(DT)(DG)(DT)(DG)(DA)(DG) B,D,G,J
2 'polydeoxyribonucleotide' (DT)(DC)(DT)(DC)(DA)(DC)(DA)(DT)(DC)(DC)(DG)(DG)(DC)(DT)(DT) C,E,H,K
3 'polypeptide(L)'
;GSMGRIADSRLLWDYVYQLLSDSRYENFIRWEDKESKIFRIVDPNGLARLWGNHKNRTNMTYEKMSRALRYYYKLNIIRK
EPGQRLLFRFMKTPDEIMSGR
;
A,F,I,L
#
loop_
_chem_comp.id
_chem_comp.type
_chem_comp.name
_chem_comp.formula
DA DNA linking 2'-DEOXYADENOSINE-5'-MONOPHOSPHATE 'C10 H14 N5 O6 P'
DC DNA linking 2'-DEOXYCYTIDINE-5'-MONOPHOSPHATE 'C9 H14 N3 O7 P'
DG DNA linking 2'-DEOXYGUANOSINE-5'-MONOPHOSPHATE 'C10 H14 N5 O7 P'
DT DNA linking THYMIDINE-5'-MONOPHOSPHATE 'C10 H15 N2 O8 P'
#
# COMPACT_ATOMS: atom_id res chain seq x y z
N ILE C 6 6.25 6.41 21.87
CA ILE C 6 7.17 6.22 20.76
C ILE C 6 8.60 6.18 21.25
N ALA C 7 9.03 7.22 21.96
CA ALA C 7 10.43 7.30 22.44
C ALA C 7 10.64 6.31 23.58
N ASP C 8 9.61 6.07 24.38
CA ASP C 8 9.74 5.19 25.57
C ASP C 8 9.72 3.73 25.13
N SER C 9 9.32 3.47 23.89
CA SER C 9 9.21 2.08 23.40
C SER C 9 10.60 1.43 23.29
N ARG C 10 10.67 0.11 23.49
CA ARG C 10 11.92 -0.63 23.35
C ARG C 10 11.78 -1.96 22.61
N LEU C 11 10.61 -2.58 22.59
CA LEU C 11 10.40 -3.81 21.84
C LEU C 11 9.83 -3.50 20.46
N LEU C 12 10.10 -4.40 19.50
CA LEU C 12 9.72 -4.14 18.12
C LEU C 12 8.20 -4.05 17.96
N TRP C 13 7.47 -4.96 18.60
CA TRP C 13 6.01 -4.92 18.49
C TRP C 13 5.45 -3.63 19.08
N ASP C 14 6.09 -3.09 20.13
CA ASP C 14 5.61 -1.84 20.70
C ASP C 14 5.93 -0.66 19.81
N TYR C 15 7.16 -0.61 19.29
CA TYR C 15 7.54 0.48 18.39
C TYR C 15 6.67 0.50 17.13
N VAL C 16 6.45 -0.66 16.53
CA VAL C 16 5.57 -0.75 15.36
C VAL C 16 4.18 -0.25 15.71
N TYR C 17 3.68 -0.62 16.90
CA TYR C 17 2.34 -0.22 17.30
C TYR C 17 2.23 1.30 17.44
N GLN C 18 3.26 1.95 17.98
CA GLN C 18 3.18 3.39 18.17
C GLN C 18 3.30 4.14 16.84
N LEU C 19 4.10 3.64 15.91
CA LEU C 19 4.13 4.24 14.58
C LEU C 19 2.78 4.12 13.89
N LEU C 20 2.10 2.98 14.09
CA LEU C 20 0.74 2.79 13.57
C LEU C 20 -0.28 3.68 14.26
N SER C 21 0.07 4.31 15.38
CA SER C 21 -0.82 5.22 16.07
C SER C 21 -0.60 6.68 15.70
N ASP C 22 0.49 6.99 14.99
CA ASP C 22 0.81 8.34 14.57
C ASP C 22 0.63 8.43 13.06
N SER C 23 -0.23 9.35 12.63
CA SER C 23 -0.47 9.53 11.20
C SER C 23 0.68 10.19 10.48
N ARG C 24 1.71 10.65 11.20
CA ARG C 24 2.89 11.19 10.56
C ARG C 24 3.79 10.11 9.98
N TYR C 25 3.49 8.84 10.23
CA TYR C 25 4.31 7.72 9.78
C TYR C 25 3.56 6.82 8.81
N GLU C 26 2.43 7.27 8.26
CA GLU C 26 1.60 6.39 7.42
C GLU C 26 2.33 5.99 6.15
N ASN C 27 3.28 6.80 5.68
CA ASN C 27 4.06 6.43 4.51
C ASN C 27 5.10 5.37 4.80
N PHE C 28 5.37 5.08 6.08
CA PHE C 28 6.20 3.96 6.48
C PHE C 28 5.37 2.72 6.75
N ILE C 29 4.33 2.87 7.57
CA ILE C 29 3.51 1.74 8.03
C ILE C 29 2.12 2.28 8.32
N ARG C 30 1.11 1.48 8.01
CA ARG C 30 -0.27 1.96 8.10
C ARG C 30 -1.21 0.81 8.36
N TRP C 31 -2.34 1.13 8.99
CA TRP C 31 -3.41 0.16 9.18
C TRP C 31 -4.14 -0.09 7.87
N GLU C 32 -4.43 -1.36 7.60
CA GLU C 32 -5.40 -1.70 6.57
C GLU C 32 -6.75 -2.09 7.15
N ASP C 33 -6.76 -2.63 8.37
CA ASP C 33 -7.99 -2.88 9.12
C ASP C 33 -7.66 -2.65 10.59
N LYS C 34 -7.95 -1.46 11.09
CA LYS C 34 -7.60 -1.10 12.46
C LYS C 34 -8.29 -2.00 13.47
N GLU C 35 -9.56 -2.33 13.23
CA GLU C 35 -10.31 -3.17 14.15
C GLU C 35 -9.69 -4.57 14.24
N SER C 36 -9.32 -5.14 13.11
CA SER C 36 -8.67 -6.45 13.09
C SER C 36 -7.18 -6.39 13.33
N LYS C 37 -6.62 -5.18 13.49
CA LYS C 37 -5.19 -4.98 13.75
C LYS C 37 -4.35 -5.56 12.61
N ILE C 38 -4.77 -5.29 11.37
CA ILE C 38 -4.04 -5.68 10.18
C ILE C 38 -3.35 -4.43 9.65
N PHE C 39 -2.03 -4.51 9.50
CA PHE C 39 -1.25 -3.37 9.04
C PHE C 39 -0.37 -3.78 7.86
N ARG C 40 0.00 -2.78 7.06
CA ARG C 40 0.88 -2.97 5.92
C ARG C 40 2.14 -2.13 6.13
N ILE C 41 3.29 -2.71 5.82
CA ILE C 41 4.56 -2.01 5.82
C ILE C 41 4.73 -1.38 4.44
N VAL C 42 4.56 -0.07 4.35
CA VAL C 42 4.56 0.59 3.04
C VAL C 42 5.98 0.80 2.54
N ASP C 43 6.92 1.08 3.45
CA ASP C 43 8.31 1.34 3.10
C ASP C 43 9.18 0.40 3.93
N PRO C 44 9.45 -0.80 3.43
CA PRO C 44 10.24 -1.76 4.24
C PRO C 44 11.61 -1.23 4.62
N ASN C 45 12.35 -0.68 3.66
CA ASN C 45 13.67 -0.15 3.97
C ASN C 45 13.59 1.06 4.87
N GLY C 46 12.59 1.92 4.66
CA GLY C 46 12.45 3.12 5.49
C GLY C 46 12.12 2.77 6.93
N LEU C 47 11.20 1.84 7.14
CA LEU C 47 10.84 1.44 8.50
C LEU C 47 12.03 0.82 9.21
N ALA C 48 12.84 0.04 8.49
CA ALA C 48 14.04 -0.52 9.08
C ALA C 48 15.01 0.57 9.52
N ARG C 49 15.11 1.65 8.75
CA ARG C 49 15.95 2.77 9.13
C ARG C 49 15.47 3.39 10.44
N LEU C 50 14.15 3.55 10.59
CA LEU C 50 13.61 4.10 11.82
C LEU C 50 13.88 3.18 13.00
N TRP C 51 13.67 1.86 12.81
CA TRP C 51 13.88 0.90 13.89
C TRP C 51 15.33 0.90 14.35
N GLY C 52 16.28 0.97 13.41
CA GLY C 52 17.67 1.01 13.80
C GLY C 52 18.04 2.31 14.50
N ASN C 53 17.52 3.43 14.02
CA ASN C 53 17.75 4.71 14.69
C ASN C 53 17.07 4.73 16.06
N HIS C 54 15.91 4.08 16.18
CA HIS C 54 15.20 4.05 17.46
C HIS C 54 15.99 3.27 18.50
N LYS C 55 16.70 2.22 18.08
CA LYS C 55 17.53 1.43 18.97
C LYS C 55 18.96 1.93 19.03
N ASN C 56 19.26 3.07 18.42
CA ASN C 56 20.62 3.64 18.38
C ASN C 56 21.60 2.63 17.81
N ARG C 57 21.23 2.03 16.69
CA ARG C 57 22.02 0.99 16.06
C ARG C 57 22.44 1.41 14.66
N THR C 58 23.45 0.70 14.14
CA THR C 58 24.00 1.00 12.80
C THR C 58 23.62 -0.12 11.84
N ASN C 59 23.48 0.17 10.54
CA ASN C 59 23.21 -0.85 9.50
C ASN C 59 21.98 -1.72 9.75
N MET C 60 20.89 -1.15 10.27
CA MET C 60 19.65 -1.97 10.38
C MET C 60 19.03 -2.07 9.00
N THR C 61 18.62 -3.28 8.60
CA THR C 61 18.03 -3.53 7.29
C THR C 61 16.66 -4.17 7.48
N TYR C 62 15.88 -4.18 6.40
CA TYR C 62 14.59 -4.86 6.47
C TYR C 62 14.75 -6.38 6.53
N GLU C 63 15.82 -6.91 5.94
CA GLU C 63 16.06 -8.35 6.04
C GLU C 63 16.23 -8.80 7.47
N LYS C 64 17.02 -8.04 8.26
CA LYS C 64 17.19 -8.37 9.67
C LYS C 64 15.93 -8.06 10.47
N MET C 65 15.27 -6.95 10.18
CA MET C 65 14.06 -6.59 10.93
C MET C 65 12.93 -7.58 10.66
N SER C 66 12.84 -8.08 9.43
CA SER C 66 11.81 -9.07 9.13
C SER C 66 12.03 -10.36 9.91
N ARG C 67 13.29 -10.70 10.20
CA ARG C 67 13.58 -11.87 11.00
C ARG C 67 13.00 -11.73 12.40
N ALA C 68 13.09 -10.53 12.99
CA ALA C 68 12.50 -10.29 14.29
C ALA C 68 10.98 -10.46 14.25
N LEU C 69 10.34 -9.99 13.18
CA LEU C 69 8.91 -10.21 13.02
C LEU C 69 8.60 -11.70 12.89
N ARG C 70 9.52 -12.47 12.31
CA ARG C 70 9.25 -13.90 12.15
C ARG C 70 9.34 -14.64 13.48
N TYR C 71 10.12 -14.12 14.43
CA TYR C 71 10.12 -14.71 15.77
C TYR C 71 8.79 -14.52 16.46
N TYR C 72 8.04 -13.49 16.08
CA TYR C 72 6.72 -13.25 16.67
C TYR C 72 5.69 -14.27 16.20
N TYR C 73 5.97 -15.02 15.14
CA TYR C 73 5.00 -15.99 14.63
C TYR C 73 4.69 -17.07 15.66
N LYS C 74 5.73 -17.76 16.13
CA LYS C 74 5.53 -18.83 17.11
C LYS C 74 5.02 -18.27 18.43
N LEU C 75 5.43 -17.07 18.80
CA LEU C 75 4.99 -16.43 20.04
C LEU C 75 3.56 -15.89 19.94
N ASN C 76 2.90 -16.07 18.80
CA ASN C 76 1.51 -15.63 18.61
C ASN C 76 1.35 -14.14 18.87
N ILE C 77 2.38 -13.34 18.57
CA ILE C 77 2.30 -11.89 18.74
C ILE C 77 1.89 -11.21 17.44
N ILE C 78 2.57 -11.53 16.36
CA ILE C 78 2.26 -11.00 15.04
C ILE C 78 2.34 -12.15 14.04
N ARG C 79 1.32 -12.29 13.19
CA ARG C 79 1.31 -13.30 12.14
C ARG C 79 1.22 -12.62 10.78
N LYS C 80 1.90 -13.20 9.80
CA LYS C 80 1.87 -12.65 8.44
C LYS C 80 0.65 -13.15 7.70
N GLU C 81 -0.08 -12.24 7.08
CA GLU C 81 -1.19 -12.62 6.23
C GLU C 81 -0.65 -13.37 5.02
N PRO C 82 -1.01 -14.64 4.84
CA PRO C 82 -0.42 -15.42 3.74
C PRO C 82 -0.88 -14.90 2.39
N GLY C 83 -0.03 -15.11 1.39
CA GLY C 83 -0.35 -14.77 0.01
C GLY C 83 -0.27 -13.29 -0.29
N GLN C 84 -0.29 -12.46 0.75
CA GLN C 84 -0.20 -11.02 0.60
C GLN C 84 1.24 -10.57 0.81
N ARG C 85 1.51 -9.33 0.40
CA ARG C 85 2.85 -8.76 0.45
C ARG C 85 2.88 -7.67 1.52
N LEU C 86 3.79 -7.83 2.48
CA LEU C 86 4.02 -6.86 3.55
C LEU C 86 2.76 -6.59 4.39
N LEU C 87 1.82 -7.53 4.41
CA LEU C 87 0.62 -7.43 5.23
C LEU C 87 0.78 -8.31 6.46
N PHE C 88 0.69 -7.70 7.63
CA PHE C 88 0.83 -8.43 8.88
C PHE C 88 -0.39 -8.16 9.76
N ARG C 89 -0.53 -8.97 10.81
CA ARG C 89 -1.66 -8.88 11.72
C ARG C 89 -1.14 -9.00 13.15
N PHE C 90 -1.55 -8.07 14.00
CA PHE C 90 -1.33 -8.21 15.44
C PHE C 90 -2.30 -9.25 15.97
N MET C 91 -1.78 -10.27 16.64
CA MET C 91 -2.63 -11.26 17.29
C MET C 91 -2.98 -10.88 18.72
N LYS C 92 -2.20 -9.99 19.34
CA LYS C 92 -2.44 -9.58 20.72
C LYS C 92 -2.41 -8.07 20.82
N THR C 93 -3.24 -7.54 21.72
CA THR C 93 -3.15 -6.14 22.09
C THR C 93 -1.90 -5.91 22.94
N PRO C 94 -1.45 -4.66 23.06
CA PRO C 94 -0.26 -4.40 23.90
C PRO C 94 -0.37 -4.92 25.33
N ASP C 95 -1.59 -5.04 25.87
CA ASP C 95 -1.75 -5.58 27.22
C ASP C 95 -1.62 -7.10 27.23
N GLU C 96 -2.15 -7.76 26.19
CA GLU C 96 -2.08 -9.22 26.14
C GLU C 96 -0.65 -9.71 25.96
N ILE C 97 0.20 -8.92 25.29
CA ILE C 97 1.60 -9.31 25.12
C ILE C 97 2.34 -9.24 26.45
N MET C 98 2.05 -8.22 27.26
CA MET C 98 2.71 -8.05 28.54
C MET C 98 2.17 -9.05 29.56
N ARG F 5 19.17 29.87 4.59
CA ARG F 5 20.25 30.47 3.81
C ARG F 5 20.92 29.43 2.93
N ILE F 6 21.34 29.87 1.73
CA ILE F 6 21.99 28.96 0.79
C ILE F 6 23.36 28.55 1.30
N ALA F 7 24.18 29.52 1.72
CA ALA F 7 25.53 29.22 2.17
C ALA F 7 25.53 28.41 3.46
N ASP F 8 24.48 28.53 4.27
CA ASP F 8 24.42 27.80 5.54
C ASP F 8 23.96 26.36 5.39
N SER F 9 23.42 25.98 4.23
CA SER F 9 22.98 24.61 4.02
C SER F 9 24.18 23.68 3.88
N ARG F 10 23.99 22.43 4.27
CA ARG F 10 25.04 21.42 4.19
C ARG F 10 24.62 20.18 3.42
N LEU F 11 23.35 19.78 3.54
CA LEU F 11 22.87 18.60 2.85
C LEU F 11 22.37 18.96 1.46
N LEU F 12 22.46 17.99 0.54
CA LEU F 12 22.10 18.26 -0.85
C LEU F 12 20.63 18.61 -0.99
N TRP F 13 19.74 17.83 -0.38
CA TRP F 13 18.32 18.12 -0.46
C TRP F 13 18.00 19.50 0.09
N ASP F 14 18.75 19.96 1.09
CA ASP F 14 18.53 21.29 1.62
C ASP F 14 19.06 22.36 0.67
N TYR F 15 20.24 22.11 0.08
CA TYR F 15 20.79 23.05 -0.88
C TYR F 15 19.88 23.21 -2.09
N VAL F 16 19.23 22.12 -2.50
CA VAL F 16 18.33 22.16 -3.68
C VAL F 16 17.13 23.02 -3.33
N TYR F 17 16.51 22.78 -2.16
CA TYR F 17 15.35 23.57 -1.72
C TYR F 17 15.70 25.06 -1.67
N GLN F 18 16.80 25.40 -1.02
CA GLN F 18 17.16 26.84 -0.89
C GLN F 18 17.33 27.47 -2.27
N LEU F 19 17.97 26.75 -3.20
CA LEU F 19 18.12 27.26 -4.56
C LEU F 19 16.77 27.37 -5.26
N LEU F 20 15.85 26.46 -4.97
CA LEU F 20 14.50 26.54 -5.52
C LEU F 20 13.71 27.71 -4.97
N SER F 21 14.06 28.21 -3.79
CA SER F 21 13.33 29.29 -3.15
C SER F 21 13.76 30.67 -3.62
N ASP F 22 14.87 30.78 -4.35
CA ASP F 22 15.38 32.06 -4.84
C ASP F 22 15.32 32.07 -6.36
N SER F 23 14.60 33.04 -6.91
CA SER F 23 14.39 33.13 -8.35
C SER F 23 15.67 33.43 -9.12
N ARG F 24 16.73 33.85 -8.45
CA ARG F 24 18.00 34.10 -9.13
C ARG F 24 18.66 32.84 -9.66
N TYR F 25 18.10 31.66 -9.35
CA TYR F 25 18.69 30.39 -9.76
C TYR F 25 17.79 29.61 -10.71
N GLU F 26 16.78 30.26 -11.29
CA GLU F 26 15.86 29.55 -12.17
C GLU F 26 16.55 28.96 -13.38
N ASN F 27 17.60 29.62 -13.88
CA ASN F 27 18.34 29.10 -15.02
C ASN F 27 19.21 27.90 -14.65
N PHE F 28 19.39 27.62 -13.37
CA PHE F 28 20.03 26.40 -12.91
C PHE F 28 19.01 25.33 -12.54
N ILE F 29 18.04 25.70 -11.71
CA ILE F 29 17.01 24.77 -11.22
C ILE F 29 15.78 25.60 -10.90
N ARG F 30 14.60 24.99 -11.07
CA ARG F 30 13.37 25.74 -10.94
C ARG F 30 12.20 24.80 -10.69
N TRP F 31 11.17 25.34 -10.05
CA TRP F 31 9.92 24.61 -9.90
C TRP F 31 9.20 24.56 -11.25
N GLU F 32 8.56 23.42 -11.54
CA GLU F 32 7.63 23.32 -12.64
C GLU F 32 6.19 23.14 -12.18
N ASP F 33 5.99 22.32 -11.16
CA ASP F 33 4.71 22.16 -10.48
C ASP F 33 5.01 22.32 -8.98
N LYS F 34 5.18 23.57 -8.52
CA LYS F 34 5.59 23.83 -7.11
C LYS F 34 4.67 23.15 -6.11
N GLU F 35 3.38 23.12 -6.40
CA GLU F 35 2.38 22.54 -5.47
C GLU F 35 2.65 21.05 -5.31
N SER F 36 2.98 20.37 -6.40
CA SER F 36 3.26 18.92 -6.37
C SER F 36 4.74 18.72 -6.08
N LYS F 37 5.47 19.78 -5.71
CA LYS F 37 6.89 19.72 -5.38
C LYS F 37 7.71 19.09 -6.51
N ILE F 38 7.35 19.42 -7.75
CA ILE F 38 8.05 18.92 -8.93
C ILE F 38 8.96 20.02 -9.45
N PHE F 39 10.26 19.74 -9.51
CA PHE F 39 11.23 20.70 -10.01
C PHE F 39 11.99 20.12 -11.20
N ARG F 40 12.61 21.01 -11.96
CA ARG F 40 13.39 20.64 -13.14
C ARG F 40 14.79 21.23 -13.02
N ILE F 41 15.79 20.41 -13.27
CA ILE F 41 17.17 20.86 -13.35
C ILE F 41 17.40 21.38 -14.77
N VAL F 42 17.54 22.70 -14.90
CA VAL F 42 17.63 23.31 -16.22
C VAL F 42 19.07 23.31 -16.74
N ASP F 43 20.05 23.44 -15.86
CA ASP F 43 21.46 23.46 -16.23
C ASP F 43 22.18 22.45 -15.35
N PRO F 44 22.27 21.18 -15.79
CA PRO F 44 22.89 20.16 -14.94
C PRO F 44 24.35 20.43 -14.63
N ASN F 45 25.14 20.86 -15.62
CA ASN F 45 26.55 21.10 -15.37
C ASN F 45 26.75 22.33 -14.49
N GLY F 46 25.97 23.38 -14.71
CA GLY F 46 26.06 24.55 -13.85
C GLY F 46 25.65 24.26 -12.42
N LEU F 47 24.57 23.50 -12.24
CA LEU F 47 24.13 23.16 -10.90
C LEU F 47 25.20 22.38 -10.13
N ALA F 48 25.87 21.45 -10.80
CA ALA F 48 26.94 20.70 -10.16
C ALA F 48 28.11 21.61 -9.78
N ARG F 49 28.40 22.61 -10.60
CA ARG F 49 29.47 23.54 -10.27
C ARG F 49 29.12 24.37 -9.04
N LEU F 50 27.86 24.81 -8.93
CA LEU F 50 27.42 25.52 -7.74
C LEU F 50 27.51 24.62 -6.51
N TRP F 51 27.05 23.37 -6.64
CA TRP F 51 27.15 22.43 -5.53
C TRP F 51 28.60 22.14 -5.17
N GLY F 52 29.49 22.15 -6.16
CA GLY F 52 30.90 21.94 -5.87
C GLY F 52 31.53 23.11 -5.15
N ASN F 53 31.25 24.33 -5.61
CA ASN F 53 31.78 25.51 -4.95
C ASN F 53 31.15 25.70 -3.57
N HIS F 54 29.93 25.21 -3.37
CA HIS F 54 29.28 25.31 -2.08
C HIS F 54 30.05 24.54 -1.01
N LYS F 55 30.49 23.33 -1.35
CA LYS F 55 31.29 22.52 -0.44
C LYS F 55 32.77 22.87 -0.50
N ASN F 56 33.14 23.95 -1.20
CA ASN F 56 34.54 24.35 -1.37
C ASN F 56 35.36 23.20 -1.96
N ARG F 57 34.73 22.41 -2.83
CA ARG F 57 35.35 21.20 -3.37
C ARG F 57 35.64 21.37 -4.85
N THR F 58 36.53 20.53 -5.34
CA THR F 58 36.91 20.47 -6.73
C THR F 58 36.35 19.21 -7.37
N ASN F 59 36.43 19.15 -8.70
CA ASN F 59 36.09 17.96 -9.47
C ASN F 59 34.62 17.57 -9.33
N MET F 60 33.74 18.53 -9.07
CA MET F 60 32.31 18.25 -8.96
C MET F 60 31.68 18.25 -10.34
N THR F 61 31.13 17.10 -10.73
CA THR F 61 30.45 16.95 -12.01
C THR F 61 28.99 16.58 -11.78
N TYR F 62 28.17 16.72 -12.82
CA TYR F 62 26.78 16.32 -12.68
C TYR F 62 26.64 14.82 -12.49
N GLU F 63 27.51 14.04 -13.14
CA GLU F 63 27.44 12.59 -13.04
C GLU F 63 27.58 12.14 -11.59
N LYS F 64 28.43 12.82 -10.82
CA LYS F 64 28.61 12.47 -9.41
C LYS F 64 27.54 13.11 -8.51
N MET F 65 27.08 14.32 -8.85
CA MET F 65 25.98 14.92 -8.10
C MET F 65 24.68 14.12 -8.26
N SER F 66 24.39 13.66 -9.48
CA SER F 66 23.18 12.89 -9.70
C SER F 66 23.23 11.54 -9.01
N ARG F 67 24.43 11.03 -8.71
CA ARG F 67 24.54 9.84 -7.88
C ARG F 67 23.99 10.09 -6.48
N ALA F 68 24.23 11.29 -5.94
CA ALA F 68 23.67 11.63 -4.65
C ALA F 68 22.15 11.79 -4.72
N LEU F 69 21.64 12.29 -5.86
CA LEU F 69 20.20 12.34 -6.04
C LEU F 69 19.61 10.94 -6.14
N ARG F 70 20.34 9.99 -6.72
CA ARG F 70 19.82 8.63 -6.82
C ARG F 70 19.81 7.93 -5.47
N TYR F 71 20.74 8.29 -4.58
CA TYR F 71 20.68 7.79 -3.21
C TYR F 71 19.42 8.26 -2.51
N TYR F 72 18.91 9.44 -2.87
CA TYR F 72 17.67 9.95 -2.27
C TYR F 72 16.44 9.17 -2.73
N TYR F 73 16.58 8.27 -3.71
CA TYR F 73 15.44 7.49 -4.16
C TYR F 73 15.02 6.48 -3.10
N LYS F 74 15.98 5.71 -2.58
CA LYS F 74 15.67 4.70 -1.58
C LYS F 74 15.20 5.32 -0.28
N LEU F 75 15.77 6.47 0.09
CA LEU F 75 15.34 7.20 1.28
C LEU F 75 13.99 7.89 1.08
N ASN F 76 13.41 7.80 -0.11
CA ASN F 76 12.12 8.41 -0.42
C ASN F 76 12.14 9.92 -0.16
N ILE F 77 13.28 10.56 -0.40
CA ILE F 77 13.37 12.01 -0.30
C ILE F 77 13.10 12.68 -1.64
N ILE F 78 13.68 12.14 -2.71
CA ILE F 78 13.49 12.64 -4.07
C ILE F 78 13.10 11.48 -4.96
N ARG F 79 12.13 11.70 -5.85
CA ARG F 79 11.73 10.71 -6.84
C ARG F 79 11.76 11.33 -8.23
N LYS F 80 12.15 10.53 -9.21
CA LYS F 80 12.26 11.01 -10.59
C LYS F 80 10.92 10.86 -11.30
N GLU F 81 10.50 11.92 -11.97
CA GLU F 81 9.26 11.88 -12.73
C GLU F 81 9.44 10.97 -13.95
N PRO F 82 8.57 9.99 -14.15
CA PRO F 82 8.75 9.07 -15.29
C PRO F 82 8.42 9.73 -16.62
N GLY F 83 9.12 9.27 -17.66
CA GLY F 83 8.90 9.76 -19.00
C GLY F 83 9.44 11.14 -19.30
N GLN F 84 10.01 11.83 -18.30
CA GLN F 84 10.55 13.16 -18.47
C GLN F 84 12.05 13.14 -18.19
N ARG F 85 12.74 14.16 -18.67
CA ARG F 85 14.17 14.32 -18.48
C ARG F 85 14.43 15.44 -17.47
N LEU F 86 15.34 15.19 -16.53
CA LEU F 86 15.76 16.17 -15.53
C LEU F 86 14.59 16.69 -14.70
N LEU F 87 13.55 15.87 -14.53
CA LEU F 87 12.36 16.24 -13.76
C LEU F 87 12.29 15.34 -12.53
N PHE F 88 12.24 15.96 -11.35
CA PHE F 88 12.22 15.23 -10.09
C PHE F 88 11.14 15.81 -9.19
N ARG F 89 10.85 15.08 -8.11
CA ARG F 89 9.82 15.48 -7.17
C ARG F 89 10.31 15.30 -5.75
N PHE F 90 10.06 16.31 -4.91
CA PHE F 90 10.33 16.21 -3.48
C PHE F 90 9.22 15.41 -2.81
N MET F 91 9.60 14.36 -2.09
CA MET F 91 8.64 13.50 -1.40
C MET F 91 8.44 13.87 0.07
N LYS F 92 9.33 14.68 0.63
CA LYS F 92 9.28 15.02 2.05
C LYS F 92 9.63 16.48 2.24
N THR F 93 9.13 17.05 3.33
CA THR F 93 9.44 18.42 3.71
C THR F 93 10.80 18.48 4.38
N PRO F 94 11.37 19.67 4.55
CA PRO F 94 12.61 19.78 5.33
C PRO F 94 12.45 19.31 6.77
N ASP F 95 11.30 19.53 7.38
CA ASP F 95 11.10 19.11 8.77
C ASP F 95 11.04 17.59 8.88
N GLU F 96 10.39 16.92 7.91
CA GLU F 96 10.28 15.47 7.97
C GLU F 96 11.64 14.80 7.81
N ILE F 97 12.49 15.35 6.95
CA ILE F 97 13.81 14.76 6.75
C ILE F 97 14.71 15.03 7.95
N MET F 98 14.68 16.26 8.47
CA MET F 98 15.50 16.60 9.63
C MET F 98 15.06 15.83 10.87
N SER F 99 13.75 15.58 11.01
CA SER F 99 13.26 14.82 12.15
C SER F 99 13.68 13.36 12.11
N GLY F 100 14.19 12.88 10.99
CA GLY F 100 14.49 11.48 10.81
C GLY F 100 13.37 10.67 10.20
N ARG F 101 12.30 11.32 9.75
CA ARG F 101 11.17 10.63 9.15
C ARG F 101 11.26 10.65 7.62
N ILE I 6 1.31 4.38 -24.63
CA ILE I 6 0.71 4.96 -23.44
C ILE I 6 -0.08 6.20 -23.82
N ALA I 7 0.60 7.16 -24.46
CA ALA I 7 -0.05 8.41 -24.86
C ALA I 7 -1.12 8.20 -25.92
N ASP I 8 -1.16 7.03 -26.57
CA ASP I 8 -2.19 6.71 -27.54
C ASP I 8 -3.44 6.11 -26.92
N SER I 9 -3.42 5.85 -25.62
CA SER I 9 -4.58 5.32 -24.93
C SER I 9 -5.55 6.45 -24.57
N ARG I 10 -6.83 6.11 -24.50
CA ARG I 10 -7.88 7.12 -24.16
C ARG I 10 -8.74 6.61 -23.01
N LEU I 11 -8.91 5.31 -22.90
CA LEU I 11 -9.78 4.75 -21.88
C LEU I 11 -8.99 4.46 -20.61
N LEU I 12 -9.66 4.62 -19.46
CA LEU I 12 -8.98 4.52 -18.17
C LEU I 12 -8.41 3.13 -17.94
N TRP I 13 -9.21 2.09 -18.20
CA TRP I 13 -8.70 0.72 -18.04
C TRP I 13 -7.51 0.46 -18.95
N ASP I 14 -7.47 1.08 -20.13
CA ASP I 14 -6.33 0.92 -21.02
C ASP I 14 -5.11 1.68 -20.52
N TYR I 15 -5.31 2.92 -20.07
CA TYR I 15 -4.20 3.69 -19.51
C TYR I 15 -3.60 2.98 -18.30
N VAL I 16 -4.45 2.39 -17.45
CA VAL I 16 -3.96 1.68 -16.27
C VAL I 16 -3.15 0.46 -16.69
N TYR I 17 -3.63 -0.27 -17.70
CA TYR I 17 -2.90 -1.43 -18.20
C TYR I 17 -1.53 -1.04 -18.75
N GLN I 18 -1.46 0.10 -19.45
CA GLN I 18 -0.19 0.55 -20.01
C GLN I 18 0.81 0.86 -18.90
N LEU I 19 0.38 1.63 -17.90
CA LEU I 19 1.26 1.95 -16.78
C LEU I 19 1.62 0.71 -15.99
N LEU I 20 0.68 -0.23 -15.87
CA LEU I 20 0.93 -1.45 -15.13
C LEU I 20 1.98 -2.32 -15.82
N SER I 21 2.08 -2.23 -17.15
CA SER I 21 3.08 -2.96 -17.91
C SER I 21 4.39 -2.17 -18.07
N ASP I 22 4.39 -0.89 -17.73
CA ASP I 22 5.58 -0.05 -17.83
C ASP I 22 6.19 0.08 -16.44
N SER I 23 7.36 -0.55 -16.25
CA SER I 23 7.98 -0.61 -14.94
C SER I 23 8.52 0.74 -14.47
N ARG I 24 8.56 1.76 -15.34
CA ARG I 24 9.00 3.07 -14.90
C ARG I 24 7.97 3.78 -14.02
N TYR I 25 6.75 3.24 -13.92
CA TYR I 25 5.69 3.85 -13.13
C TYR I 25 5.37 3.05 -11.86
N GLU I 26 6.31 2.25 -11.36
CA GLU I 26 6.01 1.40 -10.22
C GLU I 26 5.71 2.20 -8.96
N ASN I 27 6.26 3.41 -8.86
CA ASN I 27 6.00 4.25 -7.69
C ASN I 27 4.59 4.84 -7.71
N PHE I 28 3.86 4.71 -8.82
CA PHE I 28 2.48 5.18 -8.92
C PHE I 28 1.48 4.05 -8.93
N ILE I 29 1.75 2.97 -9.66
CA ILE I 29 0.84 1.85 -9.79
C ILE I 29 1.66 0.62 -10.15
N ARG I 30 1.32 -0.52 -9.55
CA ARG I 30 2.14 -1.72 -9.69
C ARG I 30 1.27 -2.95 -9.49
N TRP I 31 1.66 -4.05 -10.12
CA TRP I 31 1.03 -5.33 -9.85
C TRP I 31 1.44 -5.82 -8.47
N GLU I 32 0.46 -6.21 -7.66
CA GLU I 32 0.76 -6.96 -6.44
C GLU I 32 0.66 -8.45 -6.66
N ASP I 33 -0.17 -8.89 -7.61
CA ASP I 33 -0.28 -10.29 -8.01
C ASP I 33 -0.68 -10.29 -9.49
N LYS I 34 0.33 -10.27 -10.36
CA LYS I 34 0.08 -10.16 -11.79
C LYS I 34 -0.75 -11.32 -12.32
N GLU I 35 -0.44 -12.54 -11.87
CA GLU I 35 -1.19 -13.70 -12.33
C GLU I 35 -2.66 -13.59 -11.95
N SER I 36 -2.95 -13.16 -10.72
CA SER I 36 -4.32 -12.91 -10.31
C SER I 36 -4.84 -11.55 -10.75
N LYS I 37 -4.03 -10.79 -11.50
CA LYS I 37 -4.42 -9.48 -12.01
C LYS I 37 -4.91 -8.54 -10.91
N ILE I 38 -4.13 -8.49 -9.83
CA ILE I 38 -4.39 -7.58 -8.72
C ILE I 38 -3.29 -6.52 -8.72
N PHE I 39 -3.70 -5.25 -8.76
CA PHE I 39 -2.75 -4.16 -8.76
C PHE I 39 -3.04 -3.20 -7.61
N ARG I 40 -1.99 -2.48 -7.19
CA ARG I 40 -2.06 -1.52 -6.10
C ARG I 40 -1.76 -0.13 -6.63
N ILE I 41 -2.57 0.84 -6.23
CA ILE I 41 -2.29 2.25 -6.51
C ILE I 41 -1.38 2.74 -5.40
N VAL I 42 -0.09 2.88 -5.70
CA VAL I 42 0.89 3.25 -4.69
C VAL I 42 0.79 4.73 -4.34
N ASP I 43 0.67 5.58 -5.37
CA ASP I 43 0.60 7.02 -5.20
C ASP I 43 -0.75 7.49 -5.75
N PRO I 44 -1.78 7.57 -4.91
CA PRO I 44 -3.11 7.96 -5.42
C PRO I 44 -3.15 9.36 -6.01
N ASN I 45 -2.50 10.33 -5.38
CA ASN I 45 -2.51 11.69 -5.92
C ASN I 45 -1.64 11.80 -7.15
N GLY I 46 -0.50 11.11 -7.16
CA GLY I 46 0.38 11.16 -8.32
C GLY I 46 -0.21 10.46 -9.53
N LEU I 47 -0.99 9.39 -9.31
CA LEU I 47 -1.64 8.73 -10.43
C LEU I 47 -2.76 9.58 -11.01
N ALA I 48 -3.52 10.25 -10.15
CA ALA I 48 -4.56 11.17 -10.62
C ALA I 48 -3.96 12.31 -11.43
N ARG I 49 -2.80 12.81 -11.00
CA ARG I 49 -2.12 13.84 -11.77
C ARG I 49 -1.76 13.33 -13.16
N LEU I 50 -1.16 12.14 -13.23
CA LEU I 50 -0.79 11.57 -14.52
C LEU I 50 -2.01 11.32 -15.39
N TRP I 51 -3.10 10.84 -14.79
CA TRP I 51 -4.33 10.59 -15.55
C TRP I 51 -4.90 11.89 -16.11
N GLY I 52 -4.83 12.97 -15.33
CA GLY I 52 -5.29 14.25 -15.84
C GLY I 52 -4.36 14.80 -16.91
N ASN I 53 -3.05 14.67 -16.69
CA ASN I 53 -2.09 15.08 -17.72
C ASN I 53 -2.23 14.26 -18.99
N HIS I 54 -2.81 13.06 -18.89
CA HIS I 54 -2.99 12.23 -20.08
C HIS I 54 -4.13 12.76 -20.95
N LYS I 55 -5.21 13.20 -20.33
CA LYS I 55 -6.30 13.87 -21.04
C LYS I 55 -6.09 15.38 -21.12
N ASN I 56 -4.86 15.84 -20.94
CA ASN I 56 -4.46 17.24 -21.08
C ASN I 56 -5.19 18.15 -20.09
N ARG I 57 -5.68 17.60 -18.99
CA ARG I 57 -6.29 18.39 -17.93
C ARG I 57 -5.29 18.58 -16.78
N THR I 58 -5.63 19.50 -15.88
CA THR I 58 -4.78 19.79 -14.73
C THR I 58 -5.53 19.73 -13.40
N ASN I 59 -6.81 19.38 -13.39
CA ASN I 59 -7.63 19.38 -12.19
C ASN I 59 -7.99 17.98 -11.70
N MET I 60 -7.44 16.94 -12.32
CA MET I 60 -7.78 15.57 -11.93
C MET I 60 -7.34 15.29 -10.50
N THR I 61 -8.28 14.82 -9.69
CA THR I 61 -8.01 14.39 -8.32
C THR I 61 -8.33 12.90 -8.20
N TYR I 62 -7.83 12.29 -7.12
CA TYR I 62 -8.14 10.90 -6.90
C TYR I 62 -9.62 10.68 -6.62
N GLU I 63 -10.30 11.70 -6.10
CA GLU I 63 -11.74 11.57 -5.85
C GLU I 63 -12.50 11.38 -7.15
N LYS I 64 -12.19 12.19 -8.17
CA LYS I 64 -12.88 12.07 -9.45
C LYS I 64 -12.43 10.81 -10.19
N MET I 65 -11.12 10.51 -10.16
CA MET I 65 -10.63 9.32 -10.85
C MET I 65 -11.20 8.05 -10.25
N SER I 66 -11.29 7.98 -8.92
CA SER I 66 -11.88 6.80 -8.28
C SER I 66 -13.35 6.65 -8.65
N ARG I 67 -14.05 7.76 -8.88
CA ARG I 67 -15.42 7.67 -9.40
C ARG I 67 -15.45 6.95 -10.73
N ALA I 68 -14.47 7.23 -11.60
CA ALA I 68 -14.40 6.53 -12.88
C ALA I 68 -14.14 5.04 -12.67
N LEU I 69 -13.25 4.69 -11.74
CA LEU I 69 -13.03 3.28 -11.40
C LEU I 69 -14.30 2.65 -10.86
N ARG I 70 -15.11 3.40 -10.13
CA ARG I 70 -16.35 2.85 -9.59
C ARG I 70 -17.37 2.57 -10.70
N TYR I 71 -17.27 3.29 -11.83
CA TYR I 71 -18.09 2.93 -12.98
C TYR I 71 -17.69 1.57 -13.53
N TYR I 72 -16.40 1.24 -13.48
CA TYR I 72 -15.95 -0.08 -13.94
C TYR I 72 -16.45 -1.21 -13.06
N TYR I 73 -16.91 -0.91 -11.84
CA TYR I 73 -17.42 -1.95 -10.95
C TYR I 73 -18.58 -2.70 -11.60
N LYS I 74 -19.60 -1.97 -12.06
CA LYS I 74 -20.79 -2.63 -12.58
C LYS I 74 -20.58 -3.14 -14.00
N LEU I 75 -19.59 -2.61 -14.72
CA LEU I 75 -19.20 -3.15 -16.01
C LEU I 75 -18.37 -4.42 -15.88
N ASN I 76 -18.06 -4.83 -14.65
CA ASN I 76 -17.28 -6.04 -14.38
C ASN I 76 -15.89 -5.97 -15.01
N ILE I 77 -15.33 -4.77 -15.09
CA ILE I 77 -13.98 -4.58 -15.61
C ILE I 77 -12.95 -4.55 -14.50
N ILE I 78 -13.19 -3.73 -13.48
CA ILE I 78 -12.32 -3.63 -12.32
C ILE I 78 -13.17 -3.81 -11.07
N ARG I 79 -12.72 -4.65 -10.15
CA ARG I 79 -13.42 -4.83 -8.86
C ARG I 79 -12.43 -4.49 -7.74
N LYS I 80 -12.90 -3.85 -6.68
CA LYS I 80 -12.03 -3.54 -5.52
C LYS I 80 -11.72 -4.83 -4.76
N GLU I 81 -10.43 -5.09 -4.52
CA GLU I 81 -10.01 -6.30 -3.77
C GLU I 81 -10.37 -6.08 -2.31
N PRO I 82 -11.09 -7.02 -1.69
CA PRO I 82 -11.54 -6.82 -0.33
C PRO I 82 -10.42 -6.86 0.73
N GLY I 83 -10.53 -6.02 1.74
CA GLY I 83 -9.56 -6.07 2.85
C GLY I 83 -8.61 -4.90 2.90
N GLN I 84 -8.13 -4.44 1.76
CA GLN I 84 -7.12 -3.40 1.76
C GLN I 84 -7.64 -2.13 1.08
N ARG I 85 -6.90 -1.05 1.29
CA ARG I 85 -7.15 0.21 0.60
C ARG I 85 -6.26 0.30 -0.63
N LEU I 86 -6.79 0.90 -1.70
CA LEU I 86 -6.05 1.12 -2.94
C LEU I 86 -5.58 -0.19 -3.57
N LEU I 87 -6.38 -1.24 -3.43
CA LEU I 87 -6.08 -2.54 -4.02
C LEU I 87 -7.25 -2.92 -4.93
N PHE I 88 -6.94 -3.21 -6.19
CA PHE I 88 -7.97 -3.48 -7.19
C PHE I 88 -7.60 -4.73 -7.98
N ARG I 89 -8.59 -5.30 -8.64
CA ARG I 89 -8.43 -6.51 -9.42
C ARG I 89 -9.02 -6.32 -10.81
N PHE I 90 -8.24 -6.64 -11.84
CA PHE I 90 -8.74 -6.61 -13.21
C PHE I 90 -9.53 -7.88 -13.47
N MET I 91 -10.80 -7.73 -13.83
CA MET I 91 -11.65 -8.89 -14.07
C MET I 91 -11.69 -9.30 -15.54
N LYS I 92 -11.24 -8.45 -16.46
CA LYS I 92 -11.27 -8.75 -17.87
C LYS I 92 -9.95 -8.34 -18.51
N THR I 93 -9.47 -9.17 -19.44
CA THR I 93 -8.29 -8.83 -20.22
C THR I 93 -8.65 -7.73 -21.22
N PRO I 94 -7.65 -7.00 -21.73
CA PRO I 94 -7.95 -5.99 -22.75
C PRO I 94 -8.62 -6.56 -23.98
N ASP I 95 -8.29 -7.80 -24.35
CA ASP I 95 -8.99 -8.45 -25.46
C ASP I 95 -10.44 -8.73 -25.12
N GLU I 96 -10.72 -9.05 -23.84
CA GLU I 96 -12.09 -9.35 -23.44
C GLU I 96 -12.94 -8.08 -23.37
N ILE I 97 -12.34 -6.95 -23.00
CA ILE I 97 -13.11 -5.72 -22.90
C ILE I 97 -13.52 -5.22 -24.28
N MET I 98 -12.63 -5.32 -25.27
CA MET I 98 -12.94 -4.85 -26.60
C MET I 98 -13.99 -5.71 -27.28
N SER I 99 -14.09 -6.99 -26.90
CA SER I 99 -15.09 -7.88 -27.47
C SER I 99 -16.45 -7.68 -26.81
N ASP L 8 -16.29 -12.26 -7.69
CA ASP L 8 -15.98 -13.67 -7.45
C ASP L 8 -17.27 -14.49 -7.32
N SER L 9 -17.65 -14.78 -6.07
CA SER L 9 -18.80 -15.61 -5.77
C SER L 9 -19.87 -14.76 -5.07
N ARG L 10 -21.05 -14.69 -5.67
CA ARG L 10 -22.11 -13.84 -5.15
C ARG L 10 -22.79 -14.43 -3.92
N LEU L 11 -22.89 -15.77 -3.85
CA LEU L 11 -23.58 -16.41 -2.74
C LEU L 11 -22.68 -16.52 -1.52
N LEU L 12 -23.28 -16.35 -0.34
CA LEU L 12 -22.49 -16.36 0.89
C LEU L 12 -21.86 -17.72 1.13
N TRP L 13 -22.63 -18.80 1.01
CA TRP L 13 -22.06 -20.12 1.22
C TRP L 13 -20.96 -20.41 0.22
N ASP L 14 -21.10 -19.89 -1.01
CA ASP L 14 -20.01 -20.02 -1.99
C ASP L 14 -18.80 -19.22 -1.56
N TYR L 15 -19.00 -17.96 -1.18
CA TYR L 15 -17.88 -17.13 -0.75
C TYR L 15 -17.20 -17.70 0.48
N VAL L 16 -17.98 -18.22 1.43
CA VAL L 16 -17.41 -18.83 2.63
C VAL L 16 -16.56 -20.04 2.25
N TYR L 17 -17.14 -20.96 1.48
CA TYR L 17 -16.41 -22.17 1.07
C TYR L 17 -15.12 -21.83 0.34
N GLN L 18 -15.14 -20.78 -0.48
CA GLN L 18 -13.92 -20.37 -1.18
C GLN L 18 -12.90 -19.81 -0.21
N LEU L 19 -13.34 -19.05 0.79
CA LEU L 19 -12.42 -18.52 1.79
C LEU L 19 -11.76 -19.62 2.62
N LEU L 20 -12.41 -20.79 2.72
CA LEU L 20 -11.83 -21.93 3.43
C LEU L 20 -10.90 -22.75 2.56
N SER L 21 -10.96 -22.60 1.25
CA SER L 21 -10.08 -23.32 0.33
C SER L 21 -8.76 -22.62 0.10
N ASP L 22 -8.60 -21.38 0.56
CA ASP L 22 -7.38 -20.61 0.40
C ASP L 22 -6.80 -20.31 1.78
N SER L 23 -5.51 -20.58 1.95
CA SER L 23 -4.81 -20.19 3.18
C SER L 23 -4.61 -18.68 3.27
N ARG L 24 -4.95 -17.93 2.22
CA ARG L 24 -4.85 -16.48 2.26
C ARG L 24 -5.69 -15.88 3.39
N TYR L 25 -6.78 -16.57 3.77
CA TYR L 25 -7.71 -16.05 4.76
C TYR L 25 -7.77 -16.92 6.02
N GLU L 26 -6.70 -17.67 6.31
CA GLU L 26 -6.74 -18.58 7.45
C GLU L 26 -6.83 -17.84 8.78
N ASN L 27 -6.34 -16.59 8.83
CA ASN L 27 -6.48 -15.78 10.03
C ASN L 27 -7.85 -15.13 10.14
N PHE L 28 -8.68 -15.23 9.10
CA PHE L 28 -10.05 -14.73 9.12
C PHE L 28 -11.03 -15.83 9.49
N ILE L 29 -10.88 -17.00 8.87
CA ILE L 29 -11.83 -18.10 9.06
C ILE L 29 -11.17 -19.36 8.52
N ARG L 30 -11.20 -20.44 9.31
CA ARG L 30 -10.43 -21.63 9.00
C ARG L 30 -11.27 -22.87 9.30
N TRP L 31 -10.91 -23.96 8.62
CA TRP L 31 -11.50 -25.26 8.94
C TRP L 31 -11.05 -25.70 10.33
N GLU L 32 -11.99 -26.18 11.12
CA GLU L 32 -11.65 -26.86 12.37
C GLU L 32 -11.52 -28.36 12.15
N ASP L 33 -12.54 -28.97 11.55
CA ASP L 33 -12.49 -30.36 11.12
C ASP L 33 -13.01 -30.35 9.69
N LYS L 34 -12.10 -30.39 8.72
CA LYS L 34 -12.50 -30.30 7.31
C LYS L 34 -13.30 -31.53 6.91
N GLU L 35 -12.96 -32.70 7.43
CA GLU L 35 -13.70 -33.92 7.12
C GLU L 35 -15.17 -33.78 7.52
N SER L 36 -15.40 -33.21 8.70
CA SER L 36 -16.80 -33.08 9.19
C SER L 36 -17.37 -31.73 8.75
N LYS L 37 -16.61 -30.98 7.94
CA LYS L 37 -17.08 -29.70 7.41
C LYS L 37 -17.46 -28.73 8.52
N ILE L 38 -16.60 -28.64 9.54
CA ILE L 38 -16.74 -27.69 10.63
C ILE L 38 -15.66 -26.63 10.47
N PHE L 39 -16.06 -25.36 10.57
CA PHE L 39 -15.13 -24.26 10.43
C PHE L 39 -15.37 -23.23 11.54
N ARG L 40 -14.30 -22.51 11.89
CA ARG L 40 -14.34 -21.50 12.94
C ARG L 40 -14.08 -20.13 12.34
N ILE L 41 -14.86 -19.14 12.79
CA ILE L 41 -14.68 -17.76 12.37
C ILE L 41 -13.77 -17.10 13.40
N VAL L 42 -12.49 -16.98 13.04
CA VAL L 42 -11.50 -16.44 13.98
C VAL L 42 -11.67 -14.94 14.13
N ASP L 43 -11.87 -14.23 13.02
CA ASP L 43 -12.00 -12.77 13.02
C ASP L 43 -13.39 -12.41 12.50
N PRO L 44 -14.40 -12.33 13.39
CA PRO L 44 -15.75 -12.05 12.91
C PRO L 44 -15.90 -10.67 12.30
N ASN L 45 -15.31 -9.64 12.92
CA ASN L 45 -15.48 -8.29 12.41
C ASN L 45 -14.75 -8.09 11.08
N GLY L 46 -13.53 -8.64 10.97
CA GLY L 46 -12.80 -8.54 9.72
C GLY L 46 -13.40 -9.37 8.61
N LEU L 47 -13.99 -10.53 8.96
CA LEU L 47 -14.65 -11.34 7.94
C LEU L 47 -15.88 -10.62 7.40
N ALA L 48 -16.63 -9.94 8.27
CA ALA L 48 -17.78 -9.18 7.81
C ALA L 48 -17.36 -8.05 6.89
N ARG L 49 -16.20 -7.43 7.16
CA ARG L 49 -15.69 -6.42 6.26
C ARG L 49 -15.32 -7.01 4.90
N LEU L 50 -14.75 -8.22 4.90
CA LEU L 50 -14.45 -8.89 3.63
C LEU L 50 -15.72 -9.15 2.83
N TRP L 51 -16.74 -9.69 3.49
CA TRP L 51 -17.98 -10.02 2.79
C TRP L 51 -18.72 -8.77 2.32
N GLY L 52 -18.58 -7.66 3.05
CA GLY L 52 -19.19 -6.41 2.63
C GLY L 52 -18.42 -5.76 1.51
N ASN L 53 -17.08 -5.77 1.63
CA ASN L 53 -16.24 -5.28 0.54
C ASN L 53 -16.45 -6.09 -0.73
N HIS L 54 -16.82 -7.37 -0.58
CA HIS L 54 -17.12 -8.20 -1.74
C HIS L 54 -18.27 -7.63 -2.56
N LYS L 55 -19.23 -6.98 -1.90
CA LYS L 55 -20.36 -6.34 -2.58
C LYS L 55 -20.19 -4.84 -2.69
N ASN L 56 -18.95 -4.34 -2.63
CA ASN L 56 -18.64 -2.92 -2.78
C ASN L 56 -19.36 -2.07 -1.73
N ARG L 57 -19.33 -2.54 -0.48
CA ARG L 57 -19.89 -1.81 0.65
C ARG L 57 -18.89 -1.84 1.80
N THR L 58 -19.02 -0.85 2.68
CA THR L 58 -18.16 -0.76 3.87
C THR L 58 -18.97 -0.70 5.15
N ASN L 59 -20.29 -0.87 5.07
CA ASN L 59 -21.18 -0.78 6.22
C ASN L 59 -21.54 -2.14 6.79
N MET L 60 -20.84 -3.19 6.41
CA MET L 60 -21.20 -4.54 6.82
C MET L 60 -20.60 -4.85 8.19
N THR L 61 -21.44 -5.39 9.08
CA THR L 61 -21.03 -5.85 10.39
C THR L 61 -21.29 -7.34 10.51
N TYR L 62 -20.77 -7.94 11.58
CA TYR L 62 -20.95 -9.38 11.76
C TYR L 62 -22.40 -9.71 12.11
N GLU L 63 -23.11 -8.79 12.76
CA GLU L 63 -24.52 -9.03 13.09
C GLU L 63 -25.34 -9.29 11.82
N LYS L 64 -25.10 -8.49 10.78
CA LYS L 64 -25.84 -8.67 9.53
C LYS L 64 -25.43 -9.95 8.80
N MET L 65 -24.14 -10.29 8.85
CA MET L 65 -23.67 -11.52 8.22
C MET L 65 -24.22 -12.74 8.95
N SER L 66 -24.32 -12.65 10.29
CA SER L 66 -24.86 -13.76 11.06
C SER L 66 -26.29 -14.06 10.65
N ARG L 67 -27.10 -13.02 10.48
CA ARG L 67 -28.47 -13.18 9.98
C ARG L 67 -28.49 -13.92 8.65
N ALA L 68 -27.55 -13.60 7.76
CA ALA L 68 -27.49 -14.28 6.47
C ALA L 68 -27.18 -15.76 6.65
N LEU L 69 -26.22 -16.10 7.51
CA LEU L 69 -25.95 -17.49 7.81
C LEU L 69 -27.14 -18.17 8.49
N ARG L 70 -27.92 -17.41 9.27
CA ARG L 70 -29.10 -17.98 9.91
C ARG L 70 -30.15 -18.37 8.88
N TYR L 71 -30.18 -17.69 7.72
CA TYR L 71 -31.09 -18.08 6.66
C TYR L 71 -30.80 -19.47 6.13
N TYR L 72 -29.55 -19.92 6.25
CA TYR L 72 -29.14 -21.23 5.76
C TYR L 72 -29.55 -22.37 6.68
N TYR L 73 -30.05 -22.06 7.87
CA TYR L 73 -30.38 -23.15 8.83
C TYR L 73 -31.53 -23.98 8.26
N LYS L 74 -32.60 -23.32 7.80
CA LYS L 74 -33.81 -24.04 7.29
C LYS L 74 -33.51 -24.83 6.02
N LEU L 75 -32.57 -24.37 5.19
CA LEU L 75 -32.29 -25.04 3.90
C LEU L 75 -31.21 -26.10 4.13
N ASN L 76 -30.82 -26.32 5.38
CA ASN L 76 -29.79 -27.32 5.73
C ASN L 76 -28.51 -27.08 4.92
N ILE L 77 -28.07 -25.83 4.84
CA ILE L 77 -26.79 -25.53 4.13
C ILE L 77 -25.73 -25.37 5.20
N ILE L 78 -25.95 -24.47 6.15
CA ILE L 78 -24.99 -24.23 7.23
C ILE L 78 -25.75 -24.26 8.54
N ARG L 79 -25.16 -24.85 9.57
CA ARG L 79 -25.76 -24.92 10.90
C ARG L 79 -24.75 -24.44 11.93
N LYS L 80 -25.24 -23.74 12.95
CA LYS L 80 -24.38 -23.26 14.03
C LYS L 80 -24.03 -24.41 14.97
N GLU L 81 -22.75 -24.54 15.31
CA GLU L 81 -22.28 -25.63 16.14
C GLU L 81 -22.38 -25.24 17.60
N PRO L 82 -23.25 -25.85 18.39
CA PRO L 82 -23.36 -25.48 19.80
C PRO L 82 -22.16 -25.96 20.59
N GLY L 83 -21.95 -25.33 21.74
CA GLY L 83 -20.83 -25.65 22.60
C GLY L 83 -19.58 -24.83 22.37
N GLN L 84 -19.55 -24.02 21.30
CA GLN L 84 -18.42 -23.14 21.02
C GLN L 84 -18.95 -21.96 20.22
N ARG L 85 -18.40 -20.78 20.48
CA ARG L 85 -18.82 -19.58 19.77
C ARG L 85 -18.10 -19.45 18.43
N LEU L 86 -18.76 -18.79 17.49
CA LEU L 86 -18.23 -18.56 16.15
C LEU L 86 -17.81 -19.87 15.49
N LEU L 87 -18.60 -20.91 15.71
CA LEU L 87 -18.36 -22.23 15.14
C LEU L 87 -19.59 -22.69 14.38
N PHE L 88 -19.39 -23.08 13.13
CA PHE L 88 -20.47 -23.47 12.24
C PHE L 88 -20.10 -24.76 11.54
N ARG L 89 -21.06 -25.31 10.79
CA ARG L 89 -20.91 -26.62 10.17
C ARG L 89 -21.61 -26.65 8.83
N PHE L 90 -20.89 -27.09 7.80
CA PHE L 90 -21.46 -27.25 6.47
C PHE L 90 -22.23 -28.56 6.41
N MET L 91 -23.53 -28.48 6.09
CA MET L 91 -24.38 -29.66 6.03
C MET L 91 -24.47 -30.26 4.63
N LYS L 92 -24.10 -29.50 3.60
CA LYS L 92 -24.21 -29.97 2.22
C LYS L 92 -22.95 -29.59 1.45
N THR L 93 -22.52 -30.50 0.57
CA THR L 93 -21.42 -30.21 -0.34
C THR L 93 -21.84 -29.10 -1.31
N PRO L 94 -20.90 -28.28 -1.76
CA PRO L 94 -21.22 -27.31 -2.82
C PRO L 94 -21.86 -27.94 -4.04
N ASP L 95 -21.51 -29.19 -4.36
CA ASP L 95 -22.19 -29.88 -5.46
C ASP L 95 -23.62 -30.25 -5.09
N GLU L 96 -23.85 -30.59 -3.82
CA GLU L 96 -25.19 -30.93 -3.38
C GLU L 96 -26.10 -29.71 -3.33
N ILE L 97 -25.54 -28.54 -2.98
CA ILE L 97 -26.34 -27.32 -2.96
C ILE L 97 -26.69 -26.90 -4.38
N MET L 98 -25.75 -27.06 -5.31
CA MET L 98 -25.94 -26.66 -6.70
C MET L 98 -26.87 -27.59 -7.47
N SER L 99 -27.35 -28.67 -6.86
CA SER L 99 -28.25 -29.59 -7.53
C SER L 99 -29.53 -29.80 -6.75
#